data_7VOD
#
_entry.id   7VOD
#
_cell.length_a   50.270
_cell.length_b   55.040
_cell.length_c   180.290
_cell.angle_alpha   90.000
_cell.angle_beta   90.000
_cell.angle_gamma   90.000
#
_symmetry.space_group_name_H-M   'P 21 2 21'
#
loop_
_entity.id
_entity.type
_entity.pdbx_description
1 polymer '5-hydroxytryptamine receptor 2A,Soluble cytochrome b562'
2 non-polymer 'MAGNESIUM ION'
3 non-polymer CHOLESTEROL
4 non-polymer '(2R)-2,3-dihydroxypropyl (9Z)-octadec-9-enoate'
5 non-polymer 3-[4-[2-[4-[2,3-bis(chloranyl)phenyl]piperazin-1-yl]ethyl]cyclohexyl]-1,1-dimethyl-urea
#
_entity_poly.entity_id   1
_entity_poly.type   'polypeptide(L)'
_entity_poly.pdbx_seq_one_letter_code
;GGTHLQEKNWSALLTAVVIILTIAGNILVIMAVSLEKKLQNATNYFLMSLAIADMLLGFLVMPVSMLTILYGYRWPLPSK
LCAVWIYLDVLFSTAKIWHLCAISLDRYVAIQNPIHHSRFNSRTKAFLKIIAVWTISVGISMPIPVFGLQDDSKVFKEGS
CLLADDNFVLIGSFVSFFIPLTIMVITYFLTIKSLQKEAADLEDNWETLNDNLKVIEKADNAAQVKDALTKMRAAALDAG
SGSGDILVGQIDDALKLANEGKVKEAQAAAEQLKTTINAYIQKYGQSISNEQKACKVLGIVFFLFVVMWCPFFITNIMAV
ICKESCNEDVIGALLNVFVWIGYLNSAVNPLVYTLFNKTYRSAFSRYIQCQYKENK
;
_entity_poly.pdbx_strand_id   A
#
# COMPACT_ATOMS: atom_id res chain seq x y z
N LYS A 8 35.16 -17.59 11.90
CA LYS A 8 34.68 -18.23 10.63
C LYS A 8 33.15 -18.20 10.57
N ASN A 9 32.54 -17.38 9.71
CA ASN A 9 31.05 -17.29 9.66
C ASN A 9 30.49 -17.55 8.26
N TRP A 10 29.61 -18.56 8.23
CA TRP A 10 28.69 -18.99 7.15
C TRP A 10 27.81 -17.79 6.77
N SER A 11 27.30 -17.08 7.79
CA SER A 11 26.09 -16.21 7.73
C SER A 11 26.36 -15.00 6.84
N ALA A 12 27.60 -14.54 6.75
CA ALA A 12 27.89 -13.31 5.99
C ALA A 12 27.75 -13.60 4.50
N LEU A 13 27.95 -14.85 4.08
CA LEU A 13 27.82 -15.27 2.66
C LEU A 13 26.34 -15.18 2.29
N LEU A 14 25.45 -15.59 3.20
CA LEU A 14 23.97 -15.47 3.03
C LEU A 14 23.58 -14.00 3.03
N THR A 15 23.97 -13.26 4.06
CA THR A 15 23.41 -11.91 4.31
C THR A 15 23.86 -10.94 3.22
N ALA A 16 24.97 -11.23 2.55
CA ALA A 16 25.49 -10.32 1.51
C ALA A 16 24.53 -10.32 0.32
N VAL A 17 23.84 -11.44 0.07
CA VAL A 17 22.77 -11.58 -0.98
C VAL A 17 21.67 -10.55 -0.75
N VAL A 18 21.09 -10.58 0.46
CA VAL A 18 19.86 -9.85 0.88
C VAL A 18 20.10 -8.33 0.74
N ILE A 19 21.33 -7.90 0.96
CA ILE A 19 21.67 -6.46 0.92
C ILE A 19 21.62 -6.00 -0.53
N ILE A 20 22.11 -6.79 -1.48
CA ILE A 20 22.20 -6.25 -2.86
C ILE A 20 20.86 -6.35 -3.60
N LEU A 21 20.10 -7.40 -3.30
CA LEU A 21 18.69 -7.45 -3.74
C LEU A 21 17.93 -6.20 -3.26
N THR A 22 18.12 -5.84 -2.00
CA THR A 22 17.43 -4.68 -1.38
C THR A 22 17.85 -3.41 -2.11
N ILE A 23 19.14 -3.24 -2.32
CA ILE A 23 19.67 -1.96 -2.85
C ILE A 23 19.19 -1.84 -4.30
N ALA A 24 19.39 -2.86 -5.10
CA ALA A 24 19.12 -2.75 -6.55
C ALA A 24 17.62 -2.65 -6.81
N GLY A 25 16.82 -3.46 -6.15
CA GLY A 25 15.38 -3.49 -6.45
C GLY A 25 14.74 -2.18 -6.09
N ASN A 26 15.04 -1.69 -4.89
CA ASN A 26 14.40 -0.43 -4.42
C ASN A 26 14.93 0.77 -5.19
N ILE A 27 16.12 0.69 -5.73
CA ILE A 27 16.59 1.74 -6.68
C ILE A 27 15.72 1.66 -7.92
N LEU A 28 15.37 0.46 -8.39
CA LEU A 28 14.61 0.30 -9.66
C LEU A 28 13.21 0.85 -9.46
N VAL A 29 12.63 0.65 -8.28
CA VAL A 29 11.29 1.20 -7.95
C VAL A 29 11.35 2.72 -7.92
N ILE A 30 12.38 3.26 -7.27
CA ILE A 30 12.64 4.71 -7.20
C ILE A 30 12.78 5.22 -8.64
N MET A 31 13.53 4.49 -9.49
CA MET A 31 13.76 4.83 -10.92
C MET A 31 12.43 4.79 -11.70
N ALA A 32 11.57 3.83 -11.41
CA ALA A 32 10.36 3.62 -12.22
C ALA A 32 9.37 4.79 -11.95
N VAL A 33 9.24 5.26 -10.72
CA VAL A 33 8.26 6.34 -10.38
C VAL A 33 8.84 7.69 -10.83
N SER A 34 10.17 7.86 -10.77
CA SER A 34 10.86 9.10 -11.22
C SER A 34 10.68 9.29 -12.73
N LEU A 35 10.50 8.22 -13.51
CA LEU A 35 10.71 8.28 -14.99
C LEU A 35 9.40 8.02 -15.73
N GLU A 36 8.78 6.84 -15.54
CA GLU A 36 7.70 6.35 -16.43
C GLU A 36 6.39 7.02 -16.01
N LYS A 37 5.74 7.74 -16.93
CA LYS A 37 4.60 8.65 -16.70
C LYS A 37 3.36 7.88 -16.23
N LYS A 38 3.24 6.58 -16.57
CA LYS A 38 2.04 5.76 -16.24
C LYS A 38 2.08 5.31 -14.77
N LEU A 39 3.04 5.82 -13.99
CA LEU A 39 3.21 5.57 -12.54
C LEU A 39 3.14 6.88 -11.76
N GLN A 40 2.63 7.97 -12.34
CA GLN A 40 2.69 9.28 -11.64
C GLN A 40 1.39 9.45 -10.83
N ASN A 41 0.96 8.47 -10.04
CA ASN A 41 -0.22 8.73 -9.19
C ASN A 41 0.20 8.63 -7.73
N ALA A 42 -0.67 9.13 -6.86
CA ALA A 42 -0.40 9.43 -5.44
C ALA A 42 -0.07 8.12 -4.73
N THR A 43 -0.69 7.00 -5.10
CA THR A 43 -0.41 5.70 -4.42
C THR A 43 0.98 5.24 -4.84
N ASN A 44 1.40 5.53 -6.08
CA ASN A 44 2.78 5.19 -6.51
C ASN A 44 3.80 6.17 -5.94
N TYR A 45 3.39 7.34 -5.50
CA TYR A 45 4.33 8.28 -4.88
C TYR A 45 4.69 7.77 -3.48
N PHE A 46 3.80 7.07 -2.80
CA PHE A 46 4.13 6.47 -1.48
C PHE A 46 5.13 5.33 -1.68
N LEU A 47 4.95 4.53 -2.73
CA LEU A 47 5.74 3.29 -2.94
C LEU A 47 7.21 3.61 -3.22
N MET A 48 7.46 4.79 -3.76
CA MET A 48 8.84 5.31 -3.95
C MET A 48 9.43 5.61 -2.57
N SER A 49 8.67 6.33 -1.74
CA SER A 49 9.10 6.81 -0.41
C SER A 49 9.39 5.59 0.48
N LEU A 50 8.54 4.58 0.36
CA LEU A 50 8.73 3.26 1.00
C LEU A 50 10.07 2.66 0.53
N ALA A 51 10.34 2.71 -0.77
CA ALA A 51 11.55 2.12 -1.37
C ALA A 51 12.76 2.92 -0.94
N ILE A 52 12.59 4.20 -0.60
CA ILE A 52 13.73 5.03 -0.13
C ILE A 52 14.11 4.48 1.23
N ALA A 53 13.11 4.20 2.04
CA ALA A 53 13.30 3.64 3.39
C ALA A 53 13.97 2.28 3.29
N ASP A 54 13.51 1.44 2.38
CA ASP A 54 14.07 0.07 2.17
C ASP A 54 15.50 0.17 1.64
N MET A 55 15.77 1.13 0.78
CA MET A 55 17.14 1.29 0.25
C MET A 55 18.08 1.87 1.33
N LEU A 56 17.56 2.82 2.09
CA LEU A 56 18.32 3.39 3.22
C LEU A 56 18.57 2.32 4.27
N LEU A 57 17.63 1.41 4.44
CA LEU A 57 17.83 0.32 5.39
C LEU A 57 18.97 -0.53 4.84
N GLY A 58 19.02 -0.72 3.52
CA GLY A 58 20.03 -1.60 2.91
C GLY A 58 21.40 -0.95 2.93
N PHE A 59 21.49 0.39 2.76
CA PHE A 59 22.80 1.10 2.78
C PHE A 59 23.30 1.20 4.20
N LEU A 60 22.46 1.69 5.11
CA LEU A 60 22.94 2.16 6.43
C LEU A 60 22.87 1.02 7.45
N VAL A 61 21.68 0.46 7.66
CA VAL A 61 21.41 -0.47 8.79
C VAL A 61 21.97 -1.88 8.52
N MET A 62 21.71 -2.43 7.34
CA MET A 62 21.93 -3.86 7.09
C MET A 62 23.41 -4.25 7.03
N PRO A 63 24.40 -3.52 6.43
CA PRO A 63 25.77 -4.04 6.41
C PRO A 63 26.48 -4.01 7.77
N VAL A 64 26.05 -3.09 8.63
CA VAL A 64 26.47 -3.00 10.05
C VAL A 64 25.94 -4.22 10.82
N SER A 65 24.75 -4.70 10.47
CA SER A 65 24.17 -5.91 11.09
C SER A 65 25.05 -7.08 10.71
N MET A 66 25.48 -7.13 9.45
CA MET A 66 26.34 -8.21 8.88
C MET A 66 27.71 -8.15 9.53
N LEU A 67 28.17 -6.95 9.80
CA LEU A 67 29.49 -6.67 10.44
C LEU A 67 29.52 -7.24 11.84
N THR A 68 28.45 -7.01 12.60
CA THR A 68 28.32 -7.51 13.99
C THR A 68 28.20 -9.02 13.97
N ILE A 69 27.60 -9.60 12.95
CA ILE A 69 27.55 -11.08 12.76
C ILE A 69 28.99 -11.58 12.63
N LEU A 70 29.86 -10.81 11.98
CA LEU A 70 31.28 -11.18 11.82
C LEU A 70 32.13 -10.82 13.04
N TYR A 71 31.56 -10.29 14.11
CA TYR A 71 32.34 -10.14 15.36
C TYR A 71 31.59 -10.82 16.50
N GLY A 72 30.79 -11.85 16.21
CA GLY A 72 30.15 -12.72 17.22
C GLY A 72 29.22 -11.93 18.13
N TYR A 73 28.73 -10.79 17.60
CA TYR A 73 27.78 -9.77 18.15
C TYR A 73 28.48 -8.79 19.10
N ARG A 74 29.76 -9.00 19.36
CA ARG A 74 30.58 -8.02 20.12
C ARG A 74 30.76 -6.83 19.19
N TRP A 75 30.22 -5.67 19.58
CA TRP A 75 30.02 -4.47 18.73
C TRP A 75 31.35 -3.85 18.29
N PRO A 76 31.70 -3.87 16.97
CA PRO A 76 33.01 -3.41 16.49
C PRO A 76 33.26 -1.94 16.14
N LEU A 77 32.45 -1.00 16.61
CA LEU A 77 32.54 0.39 16.17
C LEU A 77 32.54 1.30 17.38
N PRO A 78 32.75 2.63 17.22
CA PRO A 78 32.40 3.61 18.26
C PRO A 78 31.05 3.49 18.99
N SER A 79 31.05 3.76 20.29
CA SER A 79 29.96 3.36 21.20
C SER A 79 28.74 4.24 20.95
N LYS A 80 28.99 5.52 20.65
CA LYS A 80 27.92 6.52 20.37
C LYS A 80 27.29 6.24 19.00
N LEU A 81 27.91 5.39 18.17
CA LEU A 81 27.25 4.93 16.92
C LEU A 81 26.23 3.84 17.21
N CYS A 82 26.26 3.20 18.36
CA CYS A 82 25.30 2.10 18.60
C CYS A 82 23.90 2.70 18.76
N ALA A 83 23.79 3.77 19.54
CA ALA A 83 22.49 4.45 19.80
C ALA A 83 21.94 5.07 18.50
N VAL A 84 22.83 5.47 17.62
CA VAL A 84 22.46 6.07 16.31
C VAL A 84 21.96 4.98 15.37
N TRP A 85 22.76 3.92 15.24
CA TRP A 85 22.42 2.76 14.38
C TRP A 85 21.05 2.24 14.78
N ILE A 86 20.81 2.11 16.09
CA ILE A 86 19.49 1.68 16.57
C ILE A 86 18.45 2.64 16.01
N TYR A 87 18.65 3.96 16.16
CA TYR A 87 17.64 4.94 15.67
C TYR A 87 17.45 4.74 14.16
N LEU A 88 18.47 4.44 13.36
CA LEU A 88 18.19 4.29 11.92
C LEU A 88 17.37 2.99 11.74
N ASP A 89 17.66 1.96 12.51
CA ASP A 89 17.05 0.63 12.33
C ASP A 89 15.57 0.71 12.72
N VAL A 90 15.22 1.54 13.69
CA VAL A 90 13.81 1.63 14.15
C VAL A 90 13.06 2.59 13.23
N LEU A 91 13.66 3.74 12.97
CA LEU A 91 13.07 4.79 12.07
C LEU A 91 12.58 4.13 10.78
N PHE A 92 13.47 3.46 10.05
CA PHE A 92 13.23 3.02 8.65
C PHE A 92 12.09 2.00 8.64
N SER A 93 11.98 1.25 9.72
CA SER A 93 10.87 0.28 9.90
C SER A 93 9.63 1.02 10.32
N THR A 94 9.76 1.97 11.25
CA THR A 94 8.59 2.76 11.69
C THR A 94 8.10 3.55 10.46
N ALA A 95 9.01 3.89 9.55
CA ALA A 95 8.66 4.59 8.31
C ALA A 95 7.78 3.66 7.45
N LYS A 96 8.14 2.38 7.37
CA LYS A 96 7.41 1.47 6.47
C LYS A 96 6.02 1.19 7.02
N ILE A 97 5.85 1.13 8.33
CA ILE A 97 4.51 0.75 8.87
C ILE A 97 3.60 1.97 8.74
N TRP A 98 4.11 3.17 8.89
CA TRP A 98 3.24 4.38 8.75
C TRP A 98 3.05 4.68 7.27
N HIS A 99 3.92 4.17 6.40
CA HIS A 99 3.69 4.26 4.94
C HIS A 99 2.54 3.35 4.63
N LEU A 100 2.68 2.10 5.00
CA LEU A 100 1.71 1.08 4.57
C LEU A 100 0.35 1.47 5.16
N CYS A 101 0.33 2.16 6.30
CA CYS A 101 -0.94 2.60 6.91
C CYS A 101 -1.56 3.71 6.07
N ALA A 102 -0.71 4.62 5.59
CA ALA A 102 -1.16 5.86 4.92
C ALA A 102 -1.80 5.46 3.59
N ILE A 103 -1.19 4.52 2.85
CA ILE A 103 -1.64 4.08 1.50
C ILE A 103 -3.04 3.52 1.60
N SER A 104 -3.23 2.63 2.58
CA SER A 104 -4.49 1.93 2.89
C SER A 104 -5.54 2.98 3.25
N LEU A 105 -5.11 3.98 4.02
CA LEU A 105 -6.01 5.04 4.51
C LEU A 105 -6.29 6.02 3.37
N ASP A 106 -5.31 6.34 2.53
CA ASP A 106 -5.47 7.36 1.46
C ASP A 106 -6.34 6.77 0.34
N ARG A 107 -6.19 5.48 0.05
CA ARG A 107 -7.02 4.82 -0.98
C ARG A 107 -8.44 4.64 -0.45
N TYR A 108 -8.64 4.57 0.85
CA TYR A 108 -10.02 4.47 1.40
C TYR A 108 -10.73 5.81 1.24
N VAL A 109 -10.07 6.94 1.52
CA VAL A 109 -10.69 8.30 1.47
C VAL A 109 -10.87 8.72 0.01
N ALA A 110 -10.10 8.08 -0.88
CA ALA A 110 -10.23 8.20 -2.34
C ALA A 110 -11.58 7.65 -2.81
N ILE A 111 -12.18 6.68 -2.12
CA ILE A 111 -13.46 6.09 -2.60
C ILE A 111 -14.62 7.03 -2.21
N GLN A 112 -14.51 7.75 -1.08
CA GLN A 112 -15.48 8.81 -0.65
C GLN A 112 -14.97 10.19 -1.13
N ASN A 113 -15.15 10.52 -2.41
CA ASN A 113 -14.45 11.62 -3.15
C ASN A 113 -15.05 11.66 -4.55
N PRO A 114 -14.85 12.71 -5.38
CA PRO A 114 -15.22 12.58 -6.79
C PRO A 114 -14.29 11.50 -7.42
N SER A 122 -2.41 15.20 -7.73
CA SER A 122 -1.46 16.27 -7.32
C SER A 122 -0.24 15.65 -6.66
N ARG A 123 0.95 16.18 -6.92
CA ARG A 123 2.17 15.82 -6.14
C ARG A 123 2.13 16.50 -4.77
N THR A 124 1.66 17.74 -4.72
CA THR A 124 1.59 18.53 -3.48
C THR A 124 0.56 17.89 -2.55
N LYS A 125 -0.48 17.20 -3.06
CA LYS A 125 -1.25 16.20 -2.28
C LYS A 125 -0.22 15.34 -1.55
N ALA A 126 0.60 14.61 -2.31
CA ALA A 126 1.36 13.45 -1.80
C ALA A 126 2.54 13.92 -0.95
N PHE A 127 3.32 14.92 -1.39
CA PHE A 127 4.62 15.25 -0.74
C PHE A 127 4.34 16.02 0.54
N LEU A 128 3.09 16.42 0.79
CA LEU A 128 2.77 16.90 2.15
C LEU A 128 2.56 15.67 3.02
N LYS A 129 1.86 14.68 2.48
CA LYS A 129 1.45 13.48 3.26
C LYS A 129 2.69 12.62 3.55
N ILE A 130 3.62 12.59 2.63
CA ILE A 130 4.85 11.79 2.84
C ILE A 130 5.65 12.49 3.93
N ILE A 131 5.72 13.82 3.88
CA ILE A 131 6.49 14.63 4.87
C ILE A 131 5.80 14.51 6.24
N ALA A 132 4.47 14.37 6.22
CA ALA A 132 3.68 14.13 7.44
C ALA A 132 4.04 12.77 8.04
N VAL A 133 4.29 11.75 7.22
CA VAL A 133 4.50 10.36 7.73
C VAL A 133 5.92 10.22 8.28
N TRP A 134 6.91 10.70 7.51
CA TRP A 134 8.34 10.67 7.89
C TRP A 134 8.51 11.43 9.19
N THR A 135 7.81 12.54 9.36
CA THR A 135 7.97 13.31 10.61
C THR A 135 7.32 12.59 11.77
N ILE A 136 6.35 11.72 11.51
CA ILE A 136 5.77 10.96 12.65
C ILE A 136 6.69 9.78 12.93
N SER A 137 7.53 9.39 11.97
CA SER A 137 8.52 8.32 12.24
C SER A 137 9.70 8.92 12.98
N VAL A 138 10.14 10.10 12.57
CA VAL A 138 11.34 10.77 13.13
C VAL A 138 11.00 11.18 14.55
N GLY A 139 9.73 11.57 14.76
CA GLY A 139 9.29 11.99 16.11
C GLY A 139 9.27 10.82 17.06
N ILE A 140 8.78 9.68 16.58
CA ILE A 140 8.48 8.52 17.45
C ILE A 140 9.79 7.81 17.77
N SER A 141 10.76 7.84 16.86
CA SER A 141 12.04 7.11 17.05
C SER A 141 13.07 7.93 17.84
N MET A 142 12.75 9.18 18.13
CA MET A 142 13.64 10.21 18.72
C MET A 142 13.97 10.02 20.21
N PRO A 143 13.14 9.41 21.09
CA PRO A 143 13.63 8.95 22.39
C PRO A 143 14.90 8.10 22.40
N ILE A 144 15.15 7.34 21.33
CA ILE A 144 16.27 6.37 21.32
C ILE A 144 17.61 7.12 21.39
N PRO A 145 17.99 8.03 20.48
CA PRO A 145 19.30 8.63 20.65
C PRO A 145 19.28 9.73 21.71
N VAL A 146 18.13 10.28 22.07
CA VAL A 146 18.15 11.41 23.04
C VAL A 146 18.50 10.82 24.41
N PHE A 147 18.00 9.62 24.72
CA PHE A 147 18.28 8.98 26.03
C PHE A 147 19.42 7.98 25.89
N GLY A 148 19.61 7.33 24.74
CA GLY A 148 20.64 6.28 24.58
C GLY A 148 22.04 6.88 24.55
N LEU A 149 22.16 8.10 24.07
CA LEU A 149 23.49 8.72 23.96
C LEU A 149 23.89 9.25 25.33
N GLN A 150 22.94 9.36 26.27
CA GLN A 150 23.21 9.71 27.69
C GLN A 150 23.69 8.48 28.47
N ASP A 151 23.02 7.34 28.26
CA ASP A 151 23.16 6.11 29.09
C ASP A 151 23.44 4.96 28.13
N ASP A 152 24.67 4.45 28.09
CA ASP A 152 25.08 3.37 27.15
C ASP A 152 24.34 2.07 27.43
N SER A 153 23.59 1.99 28.54
CA SER A 153 22.91 0.74 29.01
C SER A 153 21.41 0.78 28.67
N LYS A 154 20.99 1.70 27.82
CA LYS A 154 19.73 1.54 27.05
C LYS A 154 20.03 0.86 25.71
N VAL A 155 21.24 0.99 25.20
CA VAL A 155 21.55 0.57 23.80
C VAL A 155 22.57 -0.56 23.76
N PHE A 156 23.30 -0.83 24.85
CA PHE A 156 24.25 -1.98 24.90
C PHE A 156 23.89 -3.00 25.99
N LYS A 157 23.77 -4.28 25.64
CA LYS A 157 23.85 -5.35 26.66
C LYS A 157 25.07 -6.23 26.37
N GLU A 158 26.01 -6.25 27.33
CA GLU A 158 27.22 -7.12 27.37
C GLU A 158 28.14 -6.83 26.18
N GLY A 159 28.38 -5.55 25.89
CA GLY A 159 29.18 -5.10 24.74
C GLY A 159 28.63 -5.54 23.39
N SER A 160 27.33 -5.88 23.35
CA SER A 160 26.55 -6.13 22.13
C SER A 160 25.58 -4.98 22.00
N CYS A 161 25.53 -4.38 20.83
CA CYS A 161 24.63 -3.23 20.57
C CYS A 161 23.25 -3.73 20.19
N LEU A 162 22.25 -3.37 20.99
CA LEU A 162 20.83 -3.71 20.73
C LEU A 162 19.99 -2.92 21.72
N LEU A 163 18.71 -2.73 21.47
CA LEU A 163 17.90 -1.97 22.43
C LEU A 163 17.86 -2.76 23.73
N ALA A 164 18.37 -2.21 24.83
CA ALA A 164 18.35 -2.86 26.15
C ALA A 164 17.38 -2.14 27.09
N ASP A 165 16.57 -1.21 26.59
CA ASP A 165 15.54 -0.58 27.44
C ASP A 165 14.23 -1.24 27.07
N ASP A 166 13.54 -1.82 28.03
CA ASP A 166 12.30 -2.57 27.73
C ASP A 166 11.13 -1.61 27.58
N ASN A 167 11.16 -0.42 28.18
CA ASN A 167 10.05 0.55 28.02
C ASN A 167 10.01 1.03 26.59
N PHE A 168 11.16 1.19 25.97
CA PHE A 168 11.24 1.67 24.58
C PHE A 168 10.68 0.56 23.69
N VAL A 169 10.89 -0.70 24.04
CA VAL A 169 10.42 -1.83 23.21
C VAL A 169 8.93 -1.96 23.42
N LEU A 170 8.47 -2.12 24.66
CA LEU A 170 7.01 -2.28 24.92
C LEU A 170 6.27 -1.05 24.39
N ILE A 171 6.65 0.14 24.81
CA ILE A 171 5.89 1.34 24.36
C ILE A 171 6.05 1.50 22.87
N GLY A 172 7.26 1.45 22.36
CA GLY A 172 7.44 1.65 20.91
C GLY A 172 6.61 0.67 20.08
N SER A 173 6.63 -0.62 20.39
CA SER A 173 5.98 -1.68 19.59
C SER A 173 4.48 -1.45 19.49
N PHE A 174 3.81 -1.22 20.59
CA PHE A 174 2.34 -1.07 20.52
C PHE A 174 2.01 0.31 19.98
N VAL A 175 2.58 1.35 20.58
CA VAL A 175 2.31 2.75 20.13
C VAL A 175 2.69 2.84 18.67
N SER A 176 3.90 2.42 18.30
CA SER A 176 4.41 2.63 16.92
C SER A 176 3.89 1.57 15.96
N PHE A 177 3.33 0.46 16.41
CA PHE A 177 2.94 -0.59 15.45
C PHE A 177 1.50 -1.05 15.67
N PHE A 178 0.78 -0.54 16.64
CA PHE A 178 -0.61 -1.04 16.77
C PHE A 178 -1.59 0.12 16.55
N ILE A 179 -1.14 1.37 16.61
CA ILE A 179 -2.02 2.44 16.10
C ILE A 179 -2.12 2.28 14.59
N PRO A 180 -0.99 2.16 13.88
CA PRO A 180 -1.00 2.02 12.42
C PRO A 180 -1.49 0.67 11.87
N LEU A 181 -1.11 -0.45 12.46
CA LEU A 181 -1.55 -1.73 11.88
C LEU A 181 -3.07 -1.81 11.95
N THR A 182 -3.63 -1.47 13.11
CA THR A 182 -5.09 -1.49 13.28
C THR A 182 -5.70 -0.65 12.15
N ILE A 183 -5.26 0.59 12.05
CA ILE A 183 -5.86 1.55 11.08
C ILE A 183 -5.62 1.00 9.65
N MET A 184 -4.50 0.36 9.40
CA MET A 184 -4.24 -0.23 8.08
C MET A 184 -5.19 -1.42 7.85
N VAL A 185 -5.36 -2.30 8.83
CA VAL A 185 -6.13 -3.55 8.58
C VAL A 185 -7.63 -3.21 8.54
N ILE A 186 -8.07 -2.12 9.17
CA ILE A 186 -9.49 -1.71 9.07
C ILE A 186 -9.69 -1.07 7.70
N THR A 187 -8.81 -0.16 7.31
CA THR A 187 -9.05 0.61 6.07
C THR A 187 -8.79 -0.28 4.85
N TYR A 188 -8.00 -1.33 4.95
CA TYR A 188 -7.87 -2.31 3.84
C TYR A 188 -9.19 -3.08 3.69
N PHE A 189 -9.76 -3.53 4.81
CA PHE A 189 -10.98 -4.37 4.81
C PHE A 189 -12.13 -3.50 4.30
N LEU A 190 -12.19 -2.25 4.73
CA LEU A 190 -13.37 -1.42 4.38
C LEU A 190 -13.28 -1.03 2.90
N THR A 191 -12.06 -0.87 2.39
CA THR A 191 -11.80 -0.56 0.96
C THR A 191 -12.32 -1.72 0.12
N ILE A 192 -12.05 -2.95 0.54
CA ILE A 192 -12.58 -4.15 -0.16
C ILE A 192 -14.10 -4.07 -0.17
N LYS A 193 -14.73 -3.73 0.96
CA LYS A 193 -16.21 -3.71 1.03
C LYS A 193 -16.77 -2.53 0.22
N SER A 194 -16.06 -1.41 0.14
CA SER A 194 -16.49 -0.25 -0.70
C SER A 194 -16.46 -0.65 -2.18
N LEU A 195 -15.48 -1.43 -2.61
CA LEU A 195 -15.42 -1.82 -4.03
C LEU A 195 -16.41 -2.95 -4.28
N GLN A 196 -16.82 -3.67 -3.26
CA GLN A 196 -17.79 -4.75 -3.54
C GLN A 196 -19.17 -4.13 -3.68
N LYS A 197 -19.51 -3.13 -2.86
CA LYS A 197 -20.82 -2.44 -2.96
C LYS A 197 -20.91 -1.69 -4.29
N GLU A 198 -19.80 -1.14 -4.80
CA GLU A 198 -19.82 -0.35 -6.07
C GLU A 198 -20.12 -1.28 -7.25
N ALA A 199 -19.42 -2.41 -7.36
CA ALA A 199 -19.73 -3.39 -8.42
C ALA A 199 -21.17 -3.86 -8.25
N ALA A 200 -21.62 -4.24 -6.92
CA ALA A 200 -23.01 -4.62 -6.69
C ALA A 200 -23.93 -3.51 -7.20
N ASP A 201 -23.71 -2.25 -6.82
CA ASP A 201 -24.61 -1.12 -7.17
C ASP A 201 -24.57 -0.86 -8.68
N LEU A 202 -23.52 -1.26 -9.43
CA LEU A 202 -23.46 -0.92 -10.87
C LEU A 202 -24.19 -2.00 -11.66
N GLU A 203 -24.04 -3.29 -11.35
CA GLU A 203 -24.83 -4.27 -12.13
C GLU A 203 -26.21 -4.43 -11.51
N ASP A 204 -26.56 -3.64 -10.49
CA ASP A 204 -27.98 -3.31 -10.16
C ASP A 204 -28.52 -2.37 -11.23
N ASN A 205 -27.77 -1.33 -11.54
CA ASN A 205 -28.25 -0.30 -12.49
C ASN A 205 -28.24 -0.93 -13.88
N TRP A 206 -27.44 -1.99 -14.09
CA TRP A 206 -27.46 -2.72 -15.37
C TRP A 206 -28.88 -3.24 -15.60
N GLU A 207 -29.42 -4.05 -14.69
CA GLU A 207 -30.77 -4.60 -14.90
C GLU A 207 -31.74 -3.43 -15.01
N THR A 208 -31.68 -2.43 -14.13
CA THR A 208 -32.68 -1.34 -14.16
C THR A 208 -32.70 -0.64 -15.52
N LEU A 209 -31.55 -0.29 -16.05
CA LEU A 209 -31.53 0.31 -17.42
C LEU A 209 -31.93 -0.77 -18.41
N ASN A 210 -31.29 -1.93 -18.38
CA ASN A 210 -31.51 -2.95 -19.43
C ASN A 210 -32.97 -3.40 -19.42
N ASP A 211 -33.53 -3.76 -18.26
CA ASP A 211 -34.95 -4.12 -18.11
C ASP A 211 -35.80 -3.11 -18.90
N ASN A 212 -35.66 -1.82 -18.56
CA ASN A 212 -36.49 -0.70 -19.08
C ASN A 212 -36.29 -0.52 -20.58
N LEU A 213 -35.13 -0.89 -21.12
CA LEU A 213 -34.97 -0.82 -22.59
C LEU A 213 -35.97 -1.77 -23.24
N LYS A 214 -35.98 -3.03 -22.81
CA LYS A 214 -36.91 -4.03 -23.36
C LYS A 214 -38.37 -3.55 -23.21
N VAL A 215 -38.68 -2.69 -22.23
CA VAL A 215 -40.04 -2.15 -21.95
C VAL A 215 -40.38 -1.06 -22.96
N ILE A 216 -39.42 -0.22 -23.32
CA ILE A 216 -39.71 0.88 -24.25
C ILE A 216 -39.77 0.30 -25.67
N GLU A 217 -39.06 -0.80 -25.97
CA GLU A 217 -39.12 -1.41 -27.34
C GLU A 217 -40.40 -2.21 -27.52
N LYS A 218 -41.05 -2.67 -26.45
CA LYS A 218 -42.34 -3.43 -26.50
C LYS A 218 -43.57 -2.49 -26.63
N ALA A 219 -43.42 -1.18 -26.40
CA ALA A 219 -44.52 -0.31 -25.93
C ALA A 219 -45.58 -0.10 -27.01
N ASP A 220 -46.81 0.17 -26.56
CA ASP A 220 -47.98 0.62 -27.38
C ASP A 220 -48.07 2.14 -27.35
N ASN A 221 -47.94 2.78 -26.18
CA ASN A 221 -48.43 4.17 -25.96
C ASN A 221 -47.34 5.04 -25.32
N ALA A 222 -47.71 6.25 -24.92
CA ALA A 222 -46.82 7.25 -24.27
C ALA A 222 -46.77 7.05 -22.74
N ALA A 223 -47.57 6.14 -22.17
CA ALA A 223 -47.48 5.79 -20.73
C ALA A 223 -46.17 5.02 -20.51
N GLN A 224 -45.96 3.97 -21.31
CA GLN A 224 -44.93 2.92 -21.09
C GLN A 224 -43.57 3.50 -21.44
N VAL A 225 -43.54 4.62 -22.16
CA VAL A 225 -42.26 5.26 -22.57
C VAL A 225 -41.91 6.35 -21.55
N LYS A 226 -42.88 7.16 -21.08
CA LYS A 226 -42.61 8.33 -20.20
C LYS A 226 -42.31 7.82 -18.79
N ASP A 227 -43.03 6.80 -18.33
CA ASP A 227 -42.73 6.18 -17.03
C ASP A 227 -41.35 5.53 -17.15
N ALA A 228 -41.12 4.72 -18.17
CA ALA A 228 -39.86 3.93 -18.22
C ALA A 228 -38.68 4.79 -18.71
N LEU A 229 -38.86 6.07 -19.04
CA LEU A 229 -37.67 6.97 -19.14
C LEU A 229 -37.53 7.77 -17.85
N THR A 230 -38.61 7.96 -17.10
CA THR A 230 -38.54 8.57 -15.75
C THR A 230 -37.69 7.65 -14.87
N LYS A 231 -38.02 6.36 -14.91
CA LYS A 231 -37.36 5.30 -14.09
C LYS A 231 -35.93 5.05 -14.61
N MET A 232 -35.69 5.29 -15.88
CA MET A 232 -34.31 5.22 -16.42
C MET A 232 -33.50 6.41 -15.94
N ARG A 233 -34.12 7.58 -15.77
CA ARG A 233 -33.36 8.83 -15.52
C ARG A 233 -32.78 8.82 -14.11
N ALA A 234 -33.62 8.53 -13.11
CA ALA A 234 -33.22 8.47 -11.68
C ALA A 234 -32.19 7.34 -11.51
N ALA A 235 -32.36 6.23 -12.21
CA ALA A 235 -31.40 5.10 -12.20
C ALA A 235 -30.15 5.48 -12.97
N ALA A 236 -30.21 6.43 -13.90
CA ALA A 236 -28.99 6.99 -14.51
C ALA A 236 -28.29 7.92 -13.48
N LEU A 237 -29.07 8.68 -12.70
CA LEU A 237 -28.56 9.67 -11.71
C LEU A 237 -27.78 8.99 -10.58
N ASP A 238 -27.93 7.69 -10.35
CA ASP A 238 -27.15 7.00 -9.28
C ASP A 238 -25.71 6.79 -9.75
N ALA A 239 -25.49 6.44 -11.02
CA ALA A 239 -24.15 6.13 -11.56
C ALA A 239 -23.32 7.43 -11.73
N ASP A 245 -23.50 11.34 -16.32
CA ASP A 245 -23.14 12.71 -16.78
C ASP A 245 -23.94 13.06 -18.06
N ILE A 246 -23.47 12.58 -19.20
CA ILE A 246 -23.88 13.01 -20.57
C ILE A 246 -25.17 12.31 -21.04
N LEU A 247 -25.49 11.16 -20.47
CA LEU A 247 -26.63 10.29 -20.84
C LEU A 247 -27.88 10.83 -20.15
N VAL A 248 -27.70 11.62 -19.09
CA VAL A 248 -28.80 12.31 -18.36
C VAL A 248 -29.50 13.29 -19.30
N GLY A 249 -28.71 14.02 -20.09
CA GLY A 249 -29.23 14.90 -21.14
C GLY A 249 -29.90 14.09 -22.23
N GLN A 250 -29.33 12.92 -22.59
CA GLN A 250 -29.79 12.11 -23.75
C GLN A 250 -31.09 11.39 -23.42
N ILE A 251 -31.33 11.07 -22.16
CA ILE A 251 -32.69 10.64 -21.70
C ILE A 251 -33.63 11.84 -21.77
N ASP A 252 -33.18 13.02 -21.33
CA ASP A 252 -34.01 14.26 -21.32
C ASP A 252 -34.28 14.74 -22.74
N ASP A 253 -33.31 14.58 -23.64
CA ASP A 253 -33.49 14.84 -25.08
C ASP A 253 -34.54 13.86 -25.64
N ALA A 254 -34.71 12.67 -25.05
CA ALA A 254 -35.74 11.68 -25.49
C ALA A 254 -36.97 11.73 -24.57
N LEU A 255 -36.89 12.34 -23.37
CA LEU A 255 -38.06 12.40 -22.43
C LEU A 255 -39.08 13.39 -23.00
N LYS A 256 -38.61 14.38 -23.77
CA LYS A 256 -39.48 15.41 -24.38
C LYS A 256 -40.31 14.80 -25.53
N LEU A 257 -39.80 13.80 -26.25
CA LEU A 257 -40.47 13.18 -27.44
C LEU A 257 -41.73 12.44 -26.98
N ALA A 258 -41.64 11.71 -25.87
CA ALA A 258 -42.80 10.97 -25.32
C ALA A 258 -43.82 11.96 -24.72
N ASN A 259 -43.35 13.10 -24.20
CA ASN A 259 -44.22 14.12 -23.56
C ASN A 259 -45.07 14.83 -24.60
N GLU A 260 -44.58 14.95 -25.84
CA GLU A 260 -45.41 15.51 -26.94
C GLU A 260 -46.32 14.39 -27.45
N GLY A 261 -45.96 13.11 -27.24
CA GLY A 261 -46.67 11.94 -27.77
C GLY A 261 -45.97 11.29 -28.96
N LYS A 262 -44.75 11.68 -29.30
CA LYS A 262 -44.02 11.08 -30.46
C LYS A 262 -43.42 9.74 -30.04
N VAL A 263 -44.25 8.70 -30.05
CA VAL A 263 -43.90 7.41 -29.38
C VAL A 263 -42.96 6.60 -30.29
N LYS A 264 -43.22 6.54 -31.59
CA LYS A 264 -42.38 5.71 -32.51
C LYS A 264 -41.00 6.37 -32.63
N GLU A 265 -40.89 7.65 -32.26
CA GLU A 265 -39.66 8.48 -32.39
C GLU A 265 -38.84 8.27 -31.12
N ALA A 266 -39.50 8.26 -29.96
CA ALA A 266 -38.81 8.10 -28.66
C ALA A 266 -38.27 6.66 -28.55
N GLN A 267 -38.97 5.69 -29.13
CA GLN A 267 -38.55 4.26 -29.14
C GLN A 267 -37.27 4.08 -29.95
N ALA A 268 -37.11 4.83 -31.03
CA ALA A 268 -35.89 4.75 -31.88
C ALA A 268 -34.77 5.58 -31.26
N ALA A 269 -35.13 6.63 -30.50
CA ALA A 269 -34.16 7.48 -29.74
C ALA A 269 -33.55 6.66 -28.60
N ALA A 270 -34.29 5.67 -28.09
CA ALA A 270 -33.86 4.85 -26.95
C ALA A 270 -32.85 3.79 -27.41
N GLU A 271 -32.90 3.31 -28.65
CA GLU A 271 -31.90 2.30 -29.10
C GLU A 271 -30.61 3.04 -29.45
N GLN A 272 -30.66 4.38 -29.55
CA GLN A 272 -29.48 5.28 -29.58
C GLN A 272 -29.09 5.65 -28.15
N LEU A 273 -29.92 5.37 -27.12
CA LEU A 273 -29.44 5.42 -25.70
C LEU A 273 -28.64 4.15 -25.40
N LYS A 274 -28.99 3.01 -26.04
CA LYS A 274 -28.47 1.65 -25.73
C LYS A 274 -26.97 1.63 -25.97
N THR A 275 -26.52 2.39 -26.94
CA THR A 275 -25.08 2.43 -27.33
C THR A 275 -24.30 3.30 -26.32
N THR A 276 -24.90 4.43 -25.88
CA THR A 276 -24.31 5.33 -24.86
C THR A 276 -24.27 4.58 -23.52
N ILE A 277 -25.26 3.70 -23.29
CA ILE A 277 -25.35 2.94 -22.01
C ILE A 277 -24.24 1.90 -22.02
N ASN A 278 -24.18 1.04 -23.03
CA ASN A 278 -23.17 -0.05 -23.09
C ASN A 278 -21.76 0.54 -23.04
N ALA A 279 -21.53 1.69 -23.68
CA ALA A 279 -20.20 2.32 -23.70
C ALA A 279 -19.82 2.81 -22.29
N TYR A 280 -20.71 3.52 -21.60
CA TYR A 280 -20.42 4.08 -20.25
C TYR A 280 -20.23 2.97 -19.19
N ILE A 281 -21.11 1.97 -19.17
CA ILE A 281 -21.10 0.91 -18.12
C ILE A 281 -19.73 0.19 -18.16
N GLN A 282 -19.30 -0.25 -19.35
CA GLN A 282 -18.06 -1.06 -19.46
C GLN A 282 -16.88 -0.24 -18.93
N LYS A 283 -16.76 1.04 -19.27
CA LYS A 283 -15.63 1.92 -18.82
C LYS A 283 -15.59 1.92 -17.30
N TYR A 284 -16.71 2.23 -16.65
CA TYR A 284 -16.77 2.23 -15.17
C TYR A 284 -16.41 0.80 -14.67
N GLY A 285 -16.98 -0.24 -15.27
CA GLY A 285 -16.72 -1.64 -14.87
C GLY A 285 -15.24 -1.97 -15.00
N GLN A 286 -14.53 -1.49 -16.16
CA GLN A 286 -13.09 -1.76 -16.24
C GLN A 286 -12.41 -1.08 -15.06
N SER A 287 -12.82 0.16 -14.74
CA SER A 287 -12.13 0.96 -13.68
C SER A 287 -12.24 0.23 -12.35
N ILE A 288 -13.41 -0.27 -12.02
CA ILE A 288 -13.55 -1.01 -10.74
C ILE A 288 -12.64 -2.26 -10.78
N SER A 289 -12.67 -3.15 -11.79
CA SER A 289 -11.90 -4.43 -11.85
C SER A 289 -10.39 -4.17 -11.79
N ASN A 290 -9.95 -3.03 -12.34
CA ASN A 290 -8.58 -2.46 -12.14
C ASN A 290 -8.31 -2.27 -10.64
N GLU A 291 -9.17 -1.50 -9.98
CA GLU A 291 -8.96 -1.04 -8.60
C GLU A 291 -9.09 -2.19 -7.62
N GLN A 292 -9.67 -3.33 -7.99
CA GLN A 292 -9.68 -4.54 -7.12
C GLN A 292 -8.41 -5.36 -7.36
N LYS A 293 -7.87 -5.34 -8.59
CA LYS A 293 -6.53 -5.93 -8.88
C LYS A 293 -5.48 -5.10 -8.14
N ALA A 294 -5.71 -3.78 -7.97
CA ALA A 294 -4.74 -2.83 -7.40
C ALA A 294 -4.80 -2.89 -5.88
N CYS A 295 -6.00 -3.07 -5.35
CA CYS A 295 -6.22 -3.31 -3.91
C CYS A 295 -5.55 -4.65 -3.55
N LYS A 296 -5.53 -5.61 -4.47
CA LYS A 296 -5.02 -6.96 -4.13
C LYS A 296 -3.50 -6.90 -4.19
N VAL A 297 -2.91 -6.04 -5.00
CA VAL A 297 -1.42 -5.98 -5.09
C VAL A 297 -0.89 -5.43 -3.78
N LEU A 298 -1.49 -4.36 -3.25
CA LEU A 298 -1.04 -3.79 -1.96
C LEU A 298 -1.19 -4.84 -0.88
N GLY A 299 -2.34 -5.51 -0.86
CA GLY A 299 -2.64 -6.54 0.15
C GLY A 299 -1.55 -7.57 0.24
N ILE A 300 -0.72 -7.71 -0.78
CA ILE A 300 0.40 -8.68 -0.75
C ILE A 300 1.62 -7.99 -0.11
N VAL A 301 1.93 -6.76 -0.53
CA VAL A 301 2.88 -5.83 0.13
C VAL A 301 2.59 -5.70 1.63
N PHE A 302 1.31 -5.49 1.96
CA PHE A 302 0.78 -5.44 3.35
C PHE A 302 0.98 -6.80 4.05
N PHE A 303 0.66 -7.92 3.40
CA PHE A 303 0.61 -9.27 4.03
C PHE A 303 2.02 -9.74 4.35
N LEU A 304 2.89 -9.66 3.34
CA LEU A 304 4.30 -10.07 3.45
C LEU A 304 5.02 -9.24 4.52
N PHE A 305 4.60 -8.00 4.77
CA PHE A 305 5.33 -7.16 5.75
C PHE A 305 5.12 -7.76 7.15
N VAL A 306 3.87 -7.95 7.52
CA VAL A 306 3.53 -8.47 8.86
C VAL A 306 4.17 -9.85 9.04
N VAL A 307 3.84 -10.76 8.14
CA VAL A 307 4.18 -12.20 8.27
C VAL A 307 5.68 -12.34 8.39
N MET A 308 6.47 -11.55 7.70
CA MET A 308 7.93 -11.74 7.79
C MET A 308 8.52 -11.07 9.03
N TRP A 309 7.85 -10.05 9.54
CA TRP A 309 8.33 -9.41 10.78
C TRP A 309 7.70 -10.12 11.97
N CYS A 310 6.65 -10.88 11.72
CA CYS A 310 5.86 -11.47 12.82
C CYS A 310 6.72 -12.29 13.76
N PRO A 311 7.64 -13.18 13.32
CA PRO A 311 8.43 -13.95 14.27
C PRO A 311 9.42 -13.08 15.02
N PHE A 312 9.94 -12.03 14.39
CA PHE A 312 10.88 -11.17 15.13
C PHE A 312 10.10 -10.44 16.21
N PHE A 313 8.96 -9.89 15.83
CA PHE A 313 8.14 -9.06 16.73
C PHE A 313 7.80 -9.84 17.99
N ILE A 314 7.11 -10.96 17.81
CA ILE A 314 6.61 -11.76 18.96
C ILE A 314 7.76 -12.12 19.89
N THR A 315 8.88 -12.58 19.33
CA THR A 315 10.05 -13.04 20.12
C THR A 315 10.67 -11.86 20.88
N ASN A 316 10.79 -10.69 20.27
CA ASN A 316 11.34 -9.48 20.92
C ASN A 316 10.43 -9.10 22.09
N ILE A 317 9.13 -9.29 21.98
CA ILE A 317 8.21 -8.92 23.10
C ILE A 317 8.34 -9.98 24.18
N MET A 318 8.55 -11.24 23.80
CA MET A 318 8.68 -12.34 24.80
C MET A 318 10.04 -12.26 25.50
N ALA A 319 11.05 -11.63 24.89
CA ALA A 319 12.35 -11.33 25.53
C ALA A 319 12.08 -10.57 26.84
N VAL A 320 11.24 -9.57 26.76
CA VAL A 320 10.86 -8.66 27.87
C VAL A 320 9.93 -9.38 28.85
N ILE A 321 9.01 -10.16 28.34
CA ILE A 321 7.97 -10.78 29.20
C ILE A 321 8.52 -11.92 30.05
N CYS A 322 9.36 -12.78 29.48
CA CYS A 322 9.99 -13.91 30.24
C CYS A 322 11.49 -13.60 30.29
N LYS A 323 11.85 -12.54 30.99
CA LYS A 323 13.24 -12.23 31.30
C LYS A 323 13.74 -13.33 32.23
N GLU A 324 12.87 -13.68 33.20
CA GLU A 324 13.14 -14.73 34.21
C GLU A 324 13.03 -16.15 33.63
N SER A 325 11.91 -16.50 33.03
CA SER A 325 11.52 -17.93 32.83
C SER A 325 12.14 -18.57 31.57
N CYS A 326 12.93 -17.86 30.75
CA CYS A 326 13.40 -18.39 29.45
C CYS A 326 14.90 -18.22 29.28
N ASN A 327 15.46 -19.04 28.38
CA ASN A 327 16.88 -19.02 28.00
C ASN A 327 17.03 -17.88 27.01
N GLU A 328 17.60 -16.80 27.49
CA GLU A 328 17.81 -15.61 26.66
C GLU A 328 18.90 -15.91 25.64
N ASP A 329 19.81 -16.88 25.86
CA ASP A 329 20.76 -17.31 24.80
C ASP A 329 19.99 -17.85 23.61
N VAL A 330 18.92 -18.59 23.82
CA VAL A 330 18.12 -19.10 22.68
C VAL A 330 17.26 -17.98 22.09
N ILE A 331 16.57 -17.22 22.94
CA ILE A 331 15.80 -15.98 22.59
C ILE A 331 16.75 -15.09 21.77
N GLY A 332 17.97 -14.87 22.24
CA GLY A 332 18.93 -13.99 21.55
C GLY A 332 19.34 -14.61 20.24
N ALA A 333 19.51 -15.94 20.21
CA ALA A 333 19.96 -16.67 19.01
C ALA A 333 18.85 -16.65 17.95
N LEU A 334 17.59 -16.42 18.32
CA LEU A 334 16.47 -16.30 17.35
C LEU A 334 16.35 -14.87 16.84
N LEU A 335 16.47 -13.89 17.73
CA LEU A 335 16.39 -12.45 17.32
C LEU A 335 17.52 -12.18 16.31
N ASN A 336 18.66 -12.83 16.46
CA ASN A 336 19.79 -12.64 15.51
C ASN A 336 19.40 -13.23 14.16
N VAL A 337 18.49 -14.22 14.17
CA VAL A 337 17.99 -14.93 12.95
C VAL A 337 16.72 -14.25 12.46
N PHE A 338 15.78 -13.96 13.35
CA PHE A 338 14.46 -13.48 12.93
C PHE A 338 14.49 -12.07 12.34
N VAL A 339 15.54 -11.32 12.64
CA VAL A 339 15.61 -9.90 12.17
C VAL A 339 15.97 -9.91 10.67
N TRP A 340 16.55 -11.00 10.17
CA TRP A 340 16.91 -11.11 8.73
C TRP A 340 15.70 -11.57 7.94
N ILE A 341 14.72 -12.12 8.62
CA ILE A 341 13.47 -12.45 7.90
C ILE A 341 12.83 -11.11 7.54
N GLY A 342 12.78 -10.18 8.48
CA GLY A 342 12.20 -8.86 8.20
C GLY A 342 13.09 -7.97 7.37
N TYR A 343 14.38 -8.21 7.34
CA TYR A 343 15.24 -7.38 6.46
C TYR A 343 14.85 -7.74 5.01
N LEU A 344 14.71 -9.03 4.77
CA LEU A 344 14.41 -9.62 3.45
C LEU A 344 13.12 -9.00 2.90
N ASN A 345 12.27 -8.50 3.77
CA ASN A 345 11.04 -7.82 3.33
C ASN A 345 11.36 -6.59 2.47
N SER A 346 12.52 -5.98 2.65
CA SER A 346 12.96 -4.81 1.86
C SER A 346 13.17 -5.25 0.42
N ALA A 347 13.72 -6.45 0.25
CA ALA A 347 14.08 -7.03 -1.06
C ALA A 347 12.83 -7.37 -1.88
N VAL A 348 11.67 -7.60 -1.25
CA VAL A 348 10.56 -8.33 -1.93
C VAL A 348 9.45 -7.40 -2.42
N ASN A 349 9.30 -6.20 -1.85
CA ASN A 349 8.38 -5.19 -2.41
C ASN A 349 8.68 -5.07 -3.92
N PRO A 350 9.94 -4.93 -4.40
CA PRO A 350 10.13 -4.81 -5.85
C PRO A 350 9.76 -6.04 -6.69
N LEU A 351 9.77 -7.21 -6.09
CA LEU A 351 9.51 -8.44 -6.88
C LEU A 351 8.00 -8.56 -7.08
N VAL A 352 7.25 -8.11 -6.07
CA VAL A 352 5.77 -8.15 -6.10
C VAL A 352 5.35 -7.38 -7.35
N TYR A 353 5.88 -6.17 -7.52
CA TYR A 353 5.54 -5.28 -8.65
C TYR A 353 5.95 -5.92 -9.97
N THR A 354 7.08 -6.60 -9.99
CA THR A 354 7.61 -7.20 -11.23
C THR A 354 6.62 -8.22 -11.79
N LEU A 355 6.01 -9.04 -10.95
CA LEU A 355 5.16 -10.14 -11.46
C LEU A 355 3.73 -9.69 -11.61
N PHE A 356 3.31 -8.63 -10.94
CA PHE A 356 1.87 -8.24 -10.87
C PHE A 356 1.65 -6.80 -11.37
N ASN A 357 2.63 -6.14 -11.94
CA ASN A 357 2.36 -4.91 -12.72
C ASN A 357 3.04 -5.09 -14.09
N LYS A 358 2.29 -4.88 -15.16
CA LYS A 358 2.87 -4.82 -16.52
C LYS A 358 3.84 -3.64 -16.51
N THR A 359 3.51 -2.57 -15.79
CA THR A 359 4.13 -1.23 -15.98
C THR A 359 5.52 -1.26 -15.36
N TYR A 360 5.61 -1.76 -14.15
CA TYR A 360 6.91 -1.91 -13.45
C TYR A 360 7.80 -2.97 -14.13
N ARG A 361 7.22 -4.08 -14.57
CA ARG A 361 7.99 -5.17 -15.22
C ARG A 361 8.63 -4.61 -16.50
N SER A 362 7.86 -3.92 -17.35
CA SER A 362 8.30 -3.38 -18.65
C SER A 362 9.38 -2.36 -18.41
N ALA A 363 9.25 -1.61 -17.33
CA ALA A 363 10.23 -0.55 -16.99
C ALA A 363 11.54 -1.21 -16.51
N PHE A 364 11.43 -2.15 -15.57
CA PHE A 364 12.60 -2.79 -14.94
C PHE A 364 13.38 -3.53 -16.01
N SER A 365 12.65 -4.12 -16.97
CA SER A 365 13.19 -4.92 -18.10
C SER A 365 13.94 -3.99 -19.06
N ARG A 366 13.74 -2.67 -18.97
CA ARG A 366 14.47 -1.75 -19.86
C ARG A 366 15.62 -1.06 -19.14
N TYR A 367 15.62 -1.04 -17.83
CA TYR A 367 16.72 -0.43 -17.05
C TYR A 367 17.87 -1.42 -16.97
N ILE A 368 17.55 -2.69 -16.96
CA ILE A 368 18.55 -3.77 -17.05
C ILE A 368 19.20 -3.74 -18.46
N GLN A 369 18.46 -3.37 -19.50
CA GLN A 369 19.03 -3.18 -20.87
C GLN A 369 19.67 -1.79 -21.05
N CYS A 370 19.81 -1.02 -19.95
CA CYS A 370 20.47 0.30 -19.81
C CYS A 370 19.84 1.31 -20.79
N GLN A 371 18.52 1.39 -20.77
CA GLN A 371 17.70 2.08 -21.79
C GLN A 371 16.56 2.84 -21.10
N TYR A 372 16.67 4.17 -21.02
CA TYR A 372 15.98 5.00 -19.99
C TYR A 372 15.12 6.11 -20.62
N LYS A 373 14.56 5.95 -21.83
CA LYS A 373 13.73 6.99 -22.54
C LYS A 373 12.31 6.46 -22.74
N GLU A 374 11.32 7.07 -22.08
CA GLU A 374 9.89 6.70 -22.15
C GLU A 374 9.39 7.04 -23.55
#